data_5Q0G
#
_entry.id   5Q0G
#
_cell.length_a   78.900
_cell.length_b   78.900
_cell.length_c   105.900
_cell.angle_alpha   90.000
_cell.angle_beta   90.000
_cell.angle_gamma   120.000
#
_symmetry.space_group_name_H-M   'P 32 2 1'
#
loop_
_entity.id
_entity.type
_entity.pdbx_description
1 polymer 'Coagulation factor XI'
2 non-polymer 'methyl [(3R,7S)-7-({(2E)-3-[5-chloro-2-(1H-tetrazol-1-yl)phenyl]prop-2-enoyl}amino)-3-ethyl-2-oxo-1,2,3,4,5,6,7,9-octahydro-11,8-(azeno)-1,9-benzodiazacyclotridecin-14-yl]carbamate'
3 non-polymer 'SULFATE ION'
4 non-polymer 1,2-ETHANEDIOL
5 water water
#
_entity_poly.entity_id   1
_entity_poly.type   'polypeptide(L)'
_entity_poly.pdbx_seq_one_letter_code
;IVGGTASVRGEWPWQVTLHTTSPTQRHLCGGSIIGNQWILTAAHCFYGVESPKILRVYSGILNQSEIKEDTSFFGVQEII
IHDQYKMAESGYDIALLKLETTVGYGDSQRPICLPSKGDRNVIYTDCWVTGWGYRKLRDKIQNTLQKAKIPLVTNEECQK
RYRGHKITHKMICAGYREGGKDACKGDSGGPLSCKHNEVWHLVGITSWGEGCAQRERPGVYTNVVEYVDWILEKTQAVHH
HHHH
;
_entity_poly.pdbx_strand_id   A
#
loop_
_chem_comp.id
_chem_comp.type
_chem_comp.name
_chem_comp.formula
9F7 non-polymer 'methyl [(3R,7S)-7-({(2E)-3-[5-chloro-2-(1H-tetrazol-1-yl)phenyl]prop-2-enoyl}amino)-3-ethyl-2-oxo-1,2,3,4,5,6,7,9-octahydro-11,8-(azeno)-1,9-benzodiazacyclotridecin-14-yl]carbamate' 'C29 H30 Cl N9 O4'
EDO non-polymer 1,2-ETHANEDIOL 'C2 H6 O2'
SO4 non-polymer 'SULFATE ION' 'O4 S -2'
#
# COMPACT_ATOMS: atom_id res chain seq x y z
N ILE A 1 -1.91 3.29 11.06
CA ILE A 1 -3.19 2.59 11.17
C ILE A 1 -3.92 3.07 12.40
N VAL A 2 -5.20 3.39 12.25
CA VAL A 2 -6.08 3.82 13.34
C VAL A 2 -6.89 2.57 13.77
N GLY A 3 -7.00 2.36 15.08
CA GLY A 3 -7.77 1.27 15.64
C GLY A 3 -7.31 -0.13 15.28
N GLY A 4 -6.01 -0.28 15.07
CA GLY A 4 -5.45 -1.59 14.74
C GLY A 4 -4.74 -2.27 15.88
N THR A 5 -4.14 -3.44 15.62
CA THR A 5 -3.33 -4.17 16.60
C THR A 5 -2.02 -4.58 15.96
N ALA A 6 -1.04 -4.90 16.81
CA ALA A 6 0.29 -5.32 16.43
C ALA A 6 0.18 -6.56 15.59
N SER A 7 0.92 -6.58 14.49
CA SER A 7 1.01 -7.73 13.63
C SER A 7 2.01 -8.70 14.31
N VAL A 8 1.96 -9.94 13.88
CA VAL A 8 2.87 -10.98 14.35
C VAL A 8 3.94 -11.07 13.23
N ARG A 9 5.18 -11.47 13.56
CA ARG A 9 6.21 -11.61 12.53
C ARG A 9 5.76 -12.64 11.47
N GLY A 10 5.94 -12.28 10.20
CA GLY A 10 5.60 -13.11 9.06
C GLY A 10 4.14 -13.09 8.66
N GLU A 11 3.31 -12.23 9.31
CA GLU A 11 1.90 -12.15 8.98
C GLU A 11 1.64 -11.57 7.58
N TRP A 12 2.37 -10.49 7.20
CA TRP A 12 2.22 -9.81 5.90
C TRP A 12 3.59 -9.81 5.20
N PRO A 13 4.10 -10.97 4.73
CA PRO A 13 5.47 -11.01 4.19
C PRO A 13 5.69 -10.25 2.86
N TRP A 14 4.62 -9.69 2.26
CA TRP A 14 4.68 -8.85 1.06
C TRP A 14 4.86 -7.38 1.43
N GLN A 15 4.50 -7.00 2.66
CA GLN A 15 4.66 -5.66 3.24
C GLN A 15 6.15 -5.26 3.32
N VAL A 16 6.44 -4.07 2.83
CA VAL A 16 7.77 -3.49 2.89
C VAL A 16 7.66 -2.07 3.41
N THR A 17 8.75 -1.58 3.97
CA THR A 17 8.90 -0.19 4.41
C THR A 17 9.84 0.46 3.40
N LEU A 18 9.31 1.46 2.69
CA LEU A 18 10.09 2.20 1.72
C LEU A 18 10.66 3.43 2.46
N HIS A 19 12.00 3.51 2.56
CA HIS A 19 12.72 4.59 3.22
C HIS A 19 13.36 5.51 2.21
N THR A 20 13.43 6.77 2.60
CA THR A 20 14.12 7.80 1.85
C THR A 20 15.32 8.15 2.71
N THR A 21 16.40 8.56 2.05
CA THR A 21 17.71 8.87 2.60
C THR A 21 18.05 10.37 2.65
N SER A 22 17.31 11.23 1.91
CA SER A 22 17.48 12.68 1.79
C SER A 22 16.45 13.44 2.60
N PRO A 23 16.82 14.34 3.55
CA PRO A 23 18.19 14.68 4.00
C PRO A 23 18.77 13.66 4.98
N THR A 24 17.89 13.03 5.80
CA THR A 24 18.24 11.96 6.74
C THR A 24 17.30 10.79 6.44
N GLN A 25 17.71 9.56 6.80
CA GLN A 25 16.90 8.38 6.55
C GLN A 25 15.66 8.30 7.46
N ARG A 26 14.52 8.03 6.82
CA ARG A 26 13.24 7.89 7.52
C ARG A 26 12.29 7.06 6.64
N HIS A 27 11.32 6.39 7.29
CA HIS A 27 10.26 5.69 6.59
C HIS A 27 9.53 6.73 5.70
N LEU A 28 9.22 6.37 4.46
CA LEU A 28 8.50 7.22 3.52
C LEU A 28 7.07 6.70 3.25
N CYS A 29 6.95 5.43 2.85
CA CYS A 29 5.67 4.81 2.48
C CYS A 29 5.75 3.32 2.72
N GLY A 30 4.61 2.67 2.51
CA GLY A 30 4.50 1.22 2.50
C GLY A 30 4.62 0.72 1.07
N GLY A 31 4.63 -0.59 0.90
CA GLY A 31 4.73 -1.20 -0.41
C GLY A 31 4.50 -2.68 -0.32
N SER A 32 4.30 -3.32 -1.47
CA SER A 32 4.05 -4.76 -1.56
C SER A 32 4.96 -5.44 -2.55
N ILE A 33 5.54 -6.58 -2.16
CA ILE A 33 6.34 -7.41 -3.07
C ILE A 33 5.33 -8.12 -3.96
N ILE A 34 5.42 -7.91 -5.28
CA ILE A 34 4.51 -8.54 -6.24
C ILE A 34 5.28 -9.42 -7.26
N GLY A 35 6.61 -9.41 -7.17
CA GLY A 35 7.54 -10.12 -8.03
C GLY A 35 8.90 -10.08 -7.36
N ASN A 36 9.88 -10.85 -7.87
CA ASN A 36 11.20 -10.94 -7.22
C ASN A 36 12.04 -9.68 -7.35
N GLN A 37 11.64 -8.77 -8.23
CA GLN A 37 12.34 -7.49 -8.36
C GLN A 37 11.34 -6.32 -8.46
N TRP A 38 10.11 -6.54 -8.01
CA TRP A 38 9.06 -5.55 -8.13
C TRP A 38 8.32 -5.25 -6.84
N ILE A 39 8.24 -3.95 -6.52
CA ILE A 39 7.48 -3.40 -5.37
C ILE A 39 6.35 -2.53 -5.96
N LEU A 40 5.09 -2.78 -5.52
CA LEU A 40 3.93 -2.01 -5.97
C LEU A 40 3.54 -1.09 -4.85
N THR A 41 3.59 0.22 -5.14
CA THR A 41 3.36 1.29 -4.17
C THR A 41 2.50 2.42 -4.77
N ALA A 42 2.31 3.52 -4.03
CA ALA A 42 1.52 4.66 -4.50
C ALA A 42 2.42 5.70 -5.20
N ALA A 43 1.95 6.27 -6.30
CA ALA A 43 2.63 7.28 -7.09
C ALA A 43 2.91 8.55 -6.28
N HIS A 44 1.97 8.97 -5.40
CA HIS A 44 2.14 10.16 -4.56
C HIS A 44 3.37 10.07 -3.64
N CYS A 45 3.87 8.86 -3.37
CA CYS A 45 5.04 8.66 -2.52
C CYS A 45 6.33 9.32 -3.05
N PHE A 46 6.37 9.62 -4.35
CA PHE A 46 7.57 10.15 -5.01
C PHE A 46 7.51 11.64 -5.27
N TYR A 47 6.59 12.36 -4.59
CA TYR A 47 6.52 13.82 -4.68
C TYR A 47 7.87 14.36 -4.16
N GLY A 48 8.57 15.08 -5.02
CA GLY A 48 9.88 15.64 -4.71
C GLY A 48 11.03 14.65 -4.58
N VAL A 49 10.95 13.49 -5.29
CA VAL A 49 12.01 12.49 -5.31
C VAL A 49 12.68 12.66 -6.68
N GLU A 50 13.89 13.22 -6.66
CA GLU A 50 14.68 13.54 -7.87
C GLU A 50 15.32 12.31 -8.50
N SER A 51 15.70 11.31 -7.68
CA SER A 51 16.29 10.09 -8.23
C SER A 51 15.97 8.87 -7.36
N PRO A 52 16.02 7.65 -7.92
CA PRO A 52 15.80 6.45 -7.08
C PRO A 52 17.01 6.13 -6.20
N LYS A 53 18.11 6.87 -6.34
CA LYS A 53 19.36 6.68 -5.59
C LYS A 53 19.17 6.91 -4.09
N ILE A 54 18.15 7.69 -3.70
CA ILE A 54 17.84 8.03 -2.30
C ILE A 54 16.86 7.04 -1.63
N LEU A 55 16.43 6.00 -2.35
CA LEU A 55 15.47 5.02 -1.85
C LEU A 55 16.10 3.72 -1.37
N ARG A 56 15.51 3.13 -0.30
CA ARG A 56 15.90 1.86 0.31
C ARG A 56 14.64 1.14 0.70
N VAL A 57 14.48 -0.06 0.17
CA VAL A 57 13.34 -0.95 0.41
C VAL A 57 13.80 -1.98 1.41
N TYR A 58 13.06 -2.10 2.52
CA TYR A 58 13.31 -3.10 3.56
C TYR A 58 12.15 -4.06 3.59
N SER A 59 12.44 -5.36 3.45
CA SER A 59 11.48 -6.47 3.49
C SER A 59 11.84 -7.31 4.72
N GLY A 60 10.92 -8.18 5.14
CA GLY A 60 11.11 -9.03 6.30
C GLY A 60 11.26 -8.28 7.62
N ILE A 61 10.61 -7.11 7.74
CA ILE A 61 10.65 -6.21 8.89
C ILE A 61 9.33 -6.27 9.63
N LEU A 62 9.37 -6.39 10.96
CA LEU A 62 8.16 -6.28 11.77
C LEU A 62 8.24 -4.92 12.45
N ASN A 63 9.39 -4.65 13.09
CA ASN A 63 9.66 -3.47 13.87
C ASN A 63 10.63 -2.56 13.15
N GLN A 64 10.30 -1.26 13.07
CA GLN A 64 11.18 -0.27 12.43
C GLN A 64 12.56 -0.23 13.11
N SER A 65 12.67 -0.65 14.39
CA SER A 65 13.93 -0.70 15.16
C SER A 65 14.93 -1.73 14.62
N GLU A 66 14.46 -2.69 13.75
CA GLU A 66 15.27 -3.70 13.08
C GLU A 66 16.20 -3.04 12.05
N ILE A 67 15.86 -1.79 11.65
CA ILE A 67 16.61 -1.01 10.66
C ILE A 67 17.65 -0.11 11.34
N LYS A 68 18.91 -0.38 11.02
CA LYS A 68 20.07 0.37 11.46
C LYS A 68 20.97 0.48 10.22
N GLU A 69 22.17 1.08 10.34
CA GLU A 69 23.08 1.22 9.22
C GLU A 69 23.54 -0.12 8.67
N ASP A 70 23.61 -1.17 9.50
CA ASP A 70 24.06 -2.53 9.09
C ASP A 70 22.92 -3.43 8.54
N THR A 71 21.67 -2.97 8.59
CA THR A 71 20.52 -3.72 8.08
C THR A 71 20.52 -3.69 6.57
N SER A 72 20.40 -4.87 5.95
CA SER A 72 20.35 -4.96 4.52
C SER A 72 19.00 -4.50 3.96
N PHE A 73 19.07 -3.96 2.76
CA PHE A 73 17.95 -3.43 2.00
C PHE A 73 18.18 -3.76 0.51
N PHE A 74 17.23 -3.35 -0.31
CA PHE A 74 17.23 -3.42 -1.75
C PHE A 74 17.24 -1.95 -2.25
N GLY A 75 18.20 -1.67 -3.13
CA GLY A 75 18.26 -0.39 -3.82
C GLY A 75 17.21 -0.42 -4.91
N VAL A 76 16.86 0.76 -5.42
CA VAL A 76 15.84 0.93 -6.46
C VAL A 76 16.54 1.35 -7.75
N GLN A 77 16.35 0.54 -8.77
CA GLN A 77 16.92 0.75 -10.08
C GLN A 77 16.13 1.82 -10.84
N GLU A 78 14.78 1.71 -10.80
CA GLU A 78 13.87 2.54 -11.55
C GLU A 78 12.56 2.77 -10.80
N ILE A 79 12.02 4.01 -10.96
CA ILE A 79 10.71 4.41 -10.41
C ILE A 79 9.80 4.52 -11.62
N ILE A 80 8.75 3.73 -11.66
CA ILE A 80 7.78 3.74 -12.77
C ILE A 80 6.45 4.22 -12.22
N ILE A 81 6.10 5.47 -12.54
CA ILE A 81 4.86 6.13 -12.12
C ILE A 81 3.89 6.04 -13.28
N HIS A 82 2.59 5.74 -13.00
CA HIS A 82 1.55 5.70 -14.05
C HIS A 82 1.54 7.06 -14.77
N ASP A 83 1.53 7.10 -16.13
CA ASP A 83 1.71 8.40 -16.77
C ASP A 83 0.43 9.24 -16.86
N GLN A 84 -0.70 8.74 -16.34
CA GLN A 84 -1.94 9.52 -16.23
C GLN A 84 -2.06 10.08 -14.82
N TYR A 85 -1.11 9.76 -13.93
CA TYR A 85 -1.14 10.22 -12.54
C TYR A 85 -0.84 11.72 -12.41
N LYS A 86 -1.72 12.45 -11.74
CA LYS A 86 -1.60 13.87 -11.44
C LYS A 86 -1.53 14.01 -9.92
N MET A 87 -2.52 13.40 -9.22
CA MET A 87 -2.63 13.46 -7.77
C MET A 87 -3.46 12.30 -7.27
N ALA A 88 -3.27 11.92 -5.99
CA ALA A 88 -3.98 10.82 -5.33
C ALA A 88 -5.49 10.92 -5.48
N GLU A 89 -6.05 12.12 -5.26
CA GLU A 89 -7.51 12.34 -5.28
C GLU A 89 -8.15 12.17 -6.65
N SER A 90 -7.34 12.16 -7.73
CA SER A 90 -7.76 11.98 -9.12
C SER A 90 -7.51 10.55 -9.64
N GLY A 91 -6.90 9.70 -8.81
CA GLY A 91 -6.62 8.32 -9.19
C GLY A 91 -5.28 8.15 -9.88
N TYR A 92 -5.08 6.93 -10.48
CA TYR A 92 -3.85 6.48 -11.13
C TYR A 92 -2.73 6.53 -10.13
N ASP A 93 -3.09 6.41 -8.83
CA ASP A 93 -2.14 6.49 -7.73
C ASP A 93 -1.45 5.13 -7.52
N ILE A 94 -0.66 4.76 -8.52
CA ILE A 94 0.06 3.52 -8.62
C ILE A 94 1.47 3.77 -9.22
N ALA A 95 2.48 3.10 -8.63
CA ALA A 95 3.87 3.12 -9.06
C ALA A 95 4.50 1.77 -8.81
N LEU A 96 5.53 1.45 -9.60
CA LEU A 96 6.34 0.24 -9.49
C LEU A 96 7.76 0.63 -9.24
N LEU A 97 8.40 -0.08 -8.32
CA LEU A 97 9.80 0.13 -8.08
C LEU A 97 10.47 -1.10 -8.62
N LYS A 98 11.45 -0.90 -9.52
CA LYS A 98 12.24 -2.02 -10.02
C LYS A 98 13.49 -2.02 -9.16
N LEU A 99 13.75 -3.15 -8.48
CA LEU A 99 14.88 -3.32 -7.57
C LEU A 99 16.19 -3.65 -8.31
N GLU A 100 17.32 -3.16 -7.76
CA GLU A 100 18.66 -3.39 -8.30
C GLU A 100 19.06 -4.85 -8.16
N THR A 101 18.54 -5.53 -7.12
CA THR A 101 18.79 -6.96 -6.88
C THR A 101 17.46 -7.71 -6.68
N THR A 102 17.52 -9.03 -6.80
CA THR A 102 16.43 -9.99 -6.66
C THR A 102 16.17 -10.26 -5.16
N VAL A 103 14.89 -10.35 -4.79
CA VAL A 103 14.44 -10.67 -3.44
C VAL A 103 14.49 -12.19 -3.35
N GLY A 104 15.09 -12.70 -2.27
CA GLY A 104 15.16 -14.12 -2.00
C GLY A 104 13.93 -14.46 -1.23
N TYR A 105 13.02 -15.25 -1.81
CA TYR A 105 11.79 -15.62 -1.12
C TYR A 105 12.02 -16.62 0.00
N GLY A 106 11.28 -16.42 1.09
CA GLY A 106 11.29 -17.26 2.29
C GLY A 106 10.03 -16.96 3.05
N ASP A 107 9.95 -17.42 4.29
CA ASP A 107 8.77 -17.18 5.13
C ASP A 107 8.67 -15.77 5.69
N SER A 108 9.74 -14.94 5.55
CA SER A 108 9.78 -13.55 6.03
C SER A 108 9.52 -12.50 4.96
N GLN A 109 9.59 -12.90 3.67
CA GLN A 109 9.42 -12.05 2.48
C GLN A 109 9.03 -12.89 1.30
N ARG A 110 7.83 -12.67 0.77
CA ARG A 110 7.25 -13.40 -0.38
C ARG A 110 6.19 -12.55 -1.10
N PRO A 111 5.83 -12.84 -2.38
CA PRO A 111 4.88 -11.96 -3.08
C PRO A 111 3.41 -12.16 -2.75
N ILE A 112 2.64 -11.11 -2.92
CA ILE A 112 1.19 -11.21 -2.78
C ILE A 112 0.66 -11.35 -4.21
N CYS A 113 -0.36 -12.20 -4.39
CA CYS A 113 -1.00 -12.41 -5.68
C CYS A 113 -1.81 -11.18 -6.04
N LEU A 114 -1.78 -10.85 -7.31
CA LEU A 114 -2.55 -9.74 -7.81
C LEU A 114 -3.95 -10.29 -7.99
N PRO A 115 -5.02 -9.45 -7.99
CA PRO A 115 -6.36 -10.01 -8.24
C PRO A 115 -6.51 -10.46 -9.69
N SER A 116 -7.28 -11.53 -9.95
CA SER A 116 -7.53 -12.00 -11.33
C SER A 116 -8.60 -11.12 -11.98
N LYS A 117 -8.61 -11.02 -13.33
CA LYS A 117 -9.61 -10.23 -14.08
C LYS A 117 -11.02 -10.79 -13.82
N GLY A 118 -11.11 -12.11 -13.64
CA GLY A 118 -12.32 -12.84 -13.31
C GLY A 118 -12.76 -12.64 -11.86
N ASP A 119 -11.89 -12.02 -11.05
CA ASP A 119 -12.13 -11.69 -9.64
C ASP A 119 -12.59 -10.21 -9.46
N ARG A 120 -13.14 -9.61 -10.54
CA ARG A 120 -13.70 -8.26 -10.48
C ARG A 120 -15.15 -8.39 -9.96
N ASN A 121 -15.77 -9.57 -10.23
CA ASN A 121 -17.14 -9.92 -9.81
C ASN A 121 -17.21 -10.46 -8.37
N VAL A 122 -16.06 -10.92 -7.80
CA VAL A 122 -16.01 -11.46 -6.44
C VAL A 122 -16.14 -10.37 -5.36
N ILE A 123 -16.82 -10.71 -4.26
CA ILE A 123 -17.02 -9.83 -3.10
C ILE A 123 -16.19 -10.33 -1.93
N TYR A 124 -15.14 -9.57 -1.61
CA TYR A 124 -14.17 -9.85 -0.55
C TYR A 124 -14.73 -9.40 0.79
N THR A 125 -14.67 -10.31 1.77
CA THR A 125 -15.21 -10.14 3.13
C THR A 125 -14.15 -10.17 4.24
N ASP A 126 -12.87 -10.42 3.89
CA ASP A 126 -11.75 -10.50 4.83
C ASP A 126 -10.56 -9.61 4.36
N CYS A 127 -10.67 -8.29 4.54
CA CYS A 127 -9.68 -7.33 4.06
C CYS A 127 -8.97 -6.62 5.16
N TRP A 128 -7.65 -6.48 5.03
CA TRP A 128 -6.81 -5.86 6.05
C TRP A 128 -5.87 -4.83 5.45
N VAL A 129 -5.82 -3.66 6.10
CA VAL A 129 -4.94 -2.55 5.80
C VAL A 129 -3.82 -2.61 6.85
N THR A 130 -2.55 -2.59 6.38
CA THR A 130 -1.36 -2.72 7.21
C THR A 130 -0.41 -1.57 6.99
N GLY A 131 0.37 -1.25 8.03
CA GLY A 131 1.36 -0.20 7.94
C GLY A 131 1.96 0.27 9.25
N TRP A 132 3.01 1.11 9.16
CA TRP A 132 3.71 1.68 10.31
C TRP A 132 3.26 3.14 10.54
N GLY A 133 2.13 3.52 9.96
CA GLY A 133 1.62 4.88 10.06
C GLY A 133 1.02 5.24 11.41
N TYR A 134 0.60 6.51 11.51
CA TYR A 134 0.00 7.15 12.68
C TYR A 134 -1.24 6.41 13.15
N ARG A 135 -1.50 6.48 14.47
CA ARG A 135 -2.69 5.85 15.06
C ARG A 135 -3.82 6.87 15.12
N LYS A 136 -3.46 8.16 14.90
CA LYS A 136 -4.34 9.33 14.87
C LYS A 136 -3.68 10.43 14.04
N LEU A 137 -4.44 11.47 13.64
CA LEU A 137 -3.94 12.55 12.78
C LEU A 137 -2.64 13.21 13.25
N ARG A 138 -2.51 13.53 14.54
CA ARG A 138 -1.27 14.10 15.05
C ARG A 138 -0.57 13.05 15.94
N ASP A 139 0.28 12.24 15.31
CA ASP A 139 0.99 11.16 15.97
C ASP A 139 2.39 11.06 15.36
N LYS A 140 2.96 9.85 15.38
CA LYS A 140 4.26 9.51 14.85
C LYS A 140 4.21 8.09 14.30
N ILE A 141 5.18 7.76 13.43
CA ILE A 141 5.36 6.43 12.81
C ILE A 141 5.51 5.40 13.94
N GLN A 142 4.80 4.27 13.84
CA GLN A 142 4.83 3.20 14.82
C GLN A 142 6.00 2.25 14.58
N ASN A 143 6.53 1.68 15.66
CA ASN A 143 7.63 0.74 15.57
C ASN A 143 7.15 -0.57 14.97
N THR A 144 6.08 -1.18 15.56
CA THR A 144 5.51 -2.47 15.12
C THR A 144 4.46 -2.30 14.04
N LEU A 145 4.57 -3.11 12.98
CA LEU A 145 3.61 -3.13 11.89
C LEU A 145 2.19 -3.35 12.51
N GLN A 146 1.23 -2.47 12.18
CA GLN A 146 -0.14 -2.60 12.68
C GLN A 146 -1.01 -3.15 11.58
N LYS A 147 -2.13 -3.79 11.96
CA LYS A 147 -3.12 -4.36 11.06
C LYS A 147 -4.53 -3.97 11.49
N ALA A 148 -5.47 -3.83 10.52
CA ALA A 148 -6.86 -3.52 10.81
C ALA A 148 -7.80 -4.15 9.81
N LYS A 149 -8.82 -4.91 10.28
CA LYS A 149 -9.83 -5.52 9.39
C LYS A 149 -10.85 -4.46 9.10
N ILE A 150 -11.00 -4.15 7.82
CA ILE A 150 -11.85 -3.08 7.33
C ILE A 150 -12.86 -3.65 6.34
N PRO A 151 -14.14 -3.24 6.34
CA PRO A 151 -15.05 -3.76 5.29
C PRO A 151 -14.92 -2.97 4.00
N LEU A 152 -15.07 -3.63 2.86
CA LEU A 152 -15.11 -3.02 1.53
C LEU A 152 -16.42 -2.25 1.37
N VAL A 153 -16.38 -1.15 0.63
CA VAL A 153 -17.51 -0.24 0.40
C VAL A 153 -17.76 -0.10 -1.09
N THR A 154 -19.05 -0.07 -1.52
CA THR A 154 -19.44 0.10 -2.93
C THR A 154 -19.01 1.49 -3.38
N ASN A 155 -18.73 1.62 -4.68
CA ASN A 155 -18.36 2.87 -5.31
C ASN A 155 -19.45 3.91 -5.06
N GLU A 156 -20.73 3.50 -5.18
CA GLU A 156 -21.92 4.34 -4.96
C GLU A 156 -21.96 4.95 -3.56
N GLU A 157 -21.78 4.12 -2.53
CA GLU A 157 -21.73 4.49 -1.12
C GLU A 157 -20.50 5.36 -0.84
N CYS A 158 -19.33 5.04 -1.44
CA CYS A 158 -18.13 5.88 -1.30
C CYS A 158 -18.31 7.25 -1.96
N GLN A 159 -18.99 7.31 -3.11
CA GLN A 159 -19.25 8.56 -3.84
C GLN A 159 -20.17 9.48 -3.01
N LYS A 160 -21.15 8.92 -2.28
CA LYS A 160 -22.03 9.65 -1.36
C LYS A 160 -21.20 10.32 -0.28
N ARG A 161 -20.16 9.62 0.25
CA ARG A 161 -19.31 10.07 1.35
C ARG A 161 -18.34 11.16 0.98
N TYR A 162 -17.99 11.23 -0.32
CA TYR A 162 -17.04 12.17 -0.91
C TYR A 162 -17.69 13.06 -1.96
N ARG A 163 -18.61 13.93 -1.48
CA ARG A 163 -19.29 14.91 -2.32
C ARG A 163 -18.22 15.90 -2.74
N GLY A 164 -18.18 16.25 -4.01
CA GLY A 164 -17.15 17.17 -4.46
C GLY A 164 -15.95 16.47 -5.01
N HIS A 165 -15.89 15.13 -4.89
CA HIS A 165 -14.85 14.29 -5.47
C HIS A 165 -15.46 13.42 -6.53
N LYS A 166 -14.66 12.96 -7.47
CA LYS A 166 -15.12 11.99 -8.47
C LYS A 166 -14.50 10.63 -8.08
N ILE A 167 -15.29 9.74 -7.43
CA ILE A 167 -14.84 8.39 -7.04
C ILE A 167 -15.06 7.45 -8.23
N THR A 168 -13.95 7.09 -8.89
CA THR A 168 -13.94 6.24 -10.09
C THR A 168 -13.88 4.78 -9.70
N HIS A 169 -14.18 3.89 -10.67
CA HIS A 169 -14.12 2.44 -10.50
C HIS A 169 -12.69 1.91 -10.42
N LYS A 170 -11.71 2.78 -10.74
CA LYS A 170 -10.27 2.57 -10.63
C LYS A 170 -9.83 2.87 -9.15
N MET A 171 -10.81 3.28 -8.30
CA MET A 171 -10.64 3.49 -6.86
C MET A 171 -11.52 2.48 -6.13
N ILE A 172 -11.09 2.00 -4.97
CA ILE A 172 -11.86 1.10 -4.11
C ILE A 172 -11.80 1.67 -2.70
N CYS A 173 -12.95 1.80 -2.02
CA CYS A 173 -13.01 2.35 -0.66
C CYS A 173 -13.24 1.29 0.39
N ALA A 174 -12.77 1.54 1.60
CA ALA A 174 -12.96 0.65 2.75
C ALA A 174 -13.04 1.44 4.04
N GLY A 175 -13.95 1.03 4.91
CA GLY A 175 -14.15 1.65 6.22
C GLY A 175 -15.50 1.33 6.82
N TYR A 176 -15.63 1.55 8.14
CA TYR A 176 -16.85 1.37 8.90
C TYR A 176 -17.65 2.68 8.83
N ARG A 177 -18.98 2.60 8.64
CA ARG A 177 -19.83 3.80 8.62
C ARG A 177 -19.57 4.72 9.85
N GLU A 178 -19.30 4.14 11.04
CA GLU A 178 -19.02 4.86 12.28
C GLU A 178 -17.54 5.21 12.49
N GLY A 179 -16.68 4.84 11.52
CA GLY A 179 -15.25 5.05 11.59
C GLY A 179 -14.58 4.22 12.66
N GLY A 180 -13.40 4.65 13.08
CA GLY A 180 -12.66 3.99 14.14
C GLY A 180 -11.50 3.14 13.68
N LYS A 181 -11.60 2.54 12.48
CA LYS A 181 -10.52 1.70 11.92
C LYS A 181 -10.19 2.18 10.52
N ASP A 182 -8.91 2.44 10.24
CA ASP A 182 -8.51 3.00 8.94
C ASP A 182 -6.99 3.09 8.83
N ALA A 183 -6.51 3.53 7.67
CA ALA A 183 -5.13 3.86 7.39
C ALA A 183 -4.97 5.30 7.86
N CYS A 184 -3.73 5.76 8.03
CA CYS A 184 -3.43 7.14 8.39
C CYS A 184 -2.01 7.53 7.87
N LYS A 185 -1.52 8.73 8.18
CA LYS A 185 -0.22 9.22 7.73
C LYS A 185 0.90 8.20 7.94
N GLY A 186 1.57 7.82 6.85
CA GLY A 186 2.68 6.86 6.84
C GLY A 186 2.33 5.47 6.34
N ASP A 187 1.03 5.24 6.09
CA ASP A 187 0.52 3.96 5.60
C ASP A 187 0.45 3.88 4.06
N SER A 188 0.40 5.05 3.37
CA SER A 188 0.18 5.05 1.92
C SER A 188 1.23 4.27 1.15
N GLY A 189 0.79 3.63 0.07
CA GLY A 189 1.69 2.79 -0.72
C GLY A 189 1.57 1.33 -0.33
N GLY A 190 1.26 1.11 0.95
CA GLY A 190 1.07 -0.22 1.52
C GLY A 190 -0.12 -0.96 0.96
N PRO A 191 -0.31 -2.23 1.38
CA PRO A 191 -1.42 -3.02 0.85
C PRO A 191 -2.76 -2.93 1.58
N LEU A 192 -3.81 -3.26 0.85
CA LEU A 192 -5.15 -3.56 1.33
C LEU A 192 -5.24 -5.04 0.86
N SER A 193 -4.96 -5.99 1.78
CA SER A 193 -4.91 -7.42 1.47
C SER A 193 -6.23 -8.11 1.78
N CYS A 194 -6.76 -8.86 0.81
CA CYS A 194 -8.00 -9.59 1.01
C CYS A 194 -7.76 -11.08 0.81
N LYS A 195 -8.22 -11.92 1.76
CA LYS A 195 -8.12 -13.38 1.73
C LYS A 195 -9.36 -13.92 1.02
N HIS A 196 -9.17 -14.79 0.03
CA HIS A 196 -10.24 -15.39 -0.77
C HIS A 196 -9.77 -16.75 -1.28
N ASN A 197 -10.47 -17.84 -0.84
CA ASN A 197 -10.17 -19.26 -1.13
C ASN A 197 -8.80 -19.62 -0.59
N GLU A 198 -8.52 -19.17 0.64
CA GLU A 198 -7.26 -19.35 1.38
C GLU A 198 -6.05 -18.69 0.68
N VAL A 199 -6.31 -17.75 -0.25
CA VAL A 199 -5.29 -17.04 -1.01
C VAL A 199 -5.44 -15.52 -0.79
N TRP A 200 -4.35 -14.86 -0.39
CA TRP A 200 -4.34 -13.42 -0.22
C TRP A 200 -4.15 -12.75 -1.58
N HIS A 201 -4.91 -11.67 -1.80
CA HIS A 201 -4.85 -10.87 -3.03
C HIS A 201 -4.65 -9.41 -2.67
N LEU A 202 -3.91 -8.71 -3.52
CA LEU A 202 -3.64 -7.29 -3.37
C LEU A 202 -4.81 -6.58 -4.02
N VAL A 203 -5.82 -6.24 -3.22
CA VAL A 203 -7.04 -5.60 -3.73
C VAL A 203 -6.83 -4.10 -3.90
N GLY A 204 -6.16 -3.49 -2.91
CA GLY A 204 -5.90 -2.05 -2.95
C GLY A 204 -4.53 -1.61 -2.51
N ILE A 205 -4.20 -0.34 -2.87
CA ILE A 205 -2.99 0.37 -2.46
C ILE A 205 -3.51 1.58 -1.67
N THR A 206 -3.11 1.70 -0.38
CA THR A 206 -3.51 2.80 0.51
C THR A 206 -3.20 4.13 -0.16
N SER A 207 -4.24 4.94 -0.42
CA SER A 207 -4.10 6.18 -1.17
C SER A 207 -4.44 7.44 -0.38
N TRP A 208 -5.73 7.70 -0.16
CA TRP A 208 -6.14 8.93 0.52
C TRP A 208 -7.50 8.81 1.30
N GLY A 209 -7.81 9.81 2.11
CA GLY A 209 -9.07 9.93 2.87
C GLY A 209 -9.18 11.34 3.46
N GLU A 210 -10.38 11.77 3.85
CA GLU A 210 -10.52 13.05 4.52
C GLU A 210 -10.31 12.74 6.04
N GLY A 211 -9.15 13.07 6.56
CA GLY A 211 -8.75 12.75 7.93
C GLY A 211 -8.49 11.26 8.06
N CYS A 212 -8.39 10.73 9.30
CA CYS A 212 -8.14 9.29 9.56
C CYS A 212 -9.30 8.73 10.37
N ALA A 213 -9.83 7.55 9.97
CA ALA A 213 -10.93 6.79 10.61
C ALA A 213 -12.13 7.62 11.06
N GLN A 214 -12.53 8.60 10.26
CA GLN A 214 -13.67 9.41 10.59
C GLN A 214 -14.95 8.70 10.19
N ARG A 215 -16.01 8.98 10.95
CA ARG A 215 -17.37 8.53 10.69
C ARG A 215 -17.70 8.99 9.26
N GLU A 216 -18.23 8.07 8.45
CA GLU A 216 -18.67 8.30 7.08
C GLU A 216 -17.62 8.90 6.12
N ARG A 217 -16.33 8.56 6.37
CA ARG A 217 -15.21 8.94 5.51
C ARG A 217 -14.33 7.69 5.24
N PRO A 218 -14.72 6.83 4.26
CA PRO A 218 -13.91 5.62 3.99
C PRO A 218 -12.54 5.96 3.45
N GLY A 219 -11.59 5.07 3.67
CA GLY A 219 -10.25 5.22 3.13
C GLY A 219 -10.38 4.89 1.66
N VAL A 220 -9.69 5.63 0.80
CA VAL A 220 -9.73 5.44 -0.64
C VAL A 220 -8.43 4.81 -1.05
N TYR A 221 -8.54 3.72 -1.82
CA TYR A 221 -7.46 2.85 -2.26
C TYR A 221 -7.43 2.73 -3.79
N THR A 222 -6.24 2.50 -4.38
CA THR A 222 -6.12 2.24 -5.81
C THR A 222 -6.69 0.83 -6.00
N ASN A 223 -7.67 0.66 -6.91
CA ASN A 223 -8.32 -0.62 -7.19
C ASN A 223 -7.42 -1.40 -8.12
N VAL A 224 -6.54 -2.25 -7.52
CA VAL A 224 -5.50 -2.99 -8.21
C VAL A 224 -6.03 -3.81 -9.38
N VAL A 225 -7.20 -4.50 -9.25
CA VAL A 225 -7.74 -5.28 -10.39
C VAL A 225 -7.75 -4.45 -11.69
N GLU A 226 -8.03 -3.15 -11.58
CA GLU A 226 -8.10 -2.26 -12.75
C GLU A 226 -6.74 -1.91 -13.37
N TYR A 227 -5.63 -2.33 -12.76
CA TYR A 227 -4.28 -2.05 -13.20
C TYR A 227 -3.43 -3.28 -13.43
N VAL A 228 -4.07 -4.47 -13.47
CA VAL A 228 -3.36 -5.73 -13.69
C VAL A 228 -2.62 -5.70 -15.03
N ASP A 229 -3.29 -5.27 -16.11
CA ASP A 229 -2.69 -5.15 -17.43
C ASP A 229 -1.57 -4.10 -17.49
N TRP A 230 -1.68 -2.98 -16.76
CA TRP A 230 -0.62 -1.95 -16.70
C TRP A 230 0.59 -2.51 -15.96
N ILE A 231 0.38 -3.26 -14.85
CA ILE A 231 1.45 -3.88 -14.05
C ILE A 231 2.20 -4.88 -14.96
N LEU A 232 1.48 -5.79 -15.65
CA LEU A 232 2.08 -6.77 -16.56
C LEU A 232 2.85 -6.08 -17.70
N GLU A 233 2.33 -4.95 -18.19
CA GLU A 233 2.97 -4.19 -19.26
C GLU A 233 4.34 -3.72 -18.83
N LYS A 234 4.47 -3.26 -17.59
CA LYS A 234 5.74 -2.74 -17.06
C LYS A 234 6.66 -3.82 -16.53
N THR A 235 6.12 -4.87 -15.89
CA THR A 235 6.91 -5.98 -15.33
C THR A 235 7.28 -7.07 -16.37
N GLN A 236 6.50 -7.21 -17.47
CA GLN A 236 6.75 -8.24 -18.50
C GLN A 236 7.25 -7.71 -19.86
N ALA A 237 7.75 -6.47 -19.88
CA ALA A 237 8.30 -5.82 -21.07
C ALA A 237 9.37 -6.68 -21.77
N VAL A 238 9.22 -6.87 -23.10
CA VAL A 238 10.17 -7.67 -23.88
C VAL A 238 11.53 -6.93 -24.08
C13 9F7 B . 5.69 10.38 8.50
C18 9F7 B . 8.51 9.73 9.58
C16 9F7 B . 5.50 10.11 5.67
C15 9F7 B . 6.70 9.82 6.32
C21 9F7 B . 10.48 9.15 10.96
C22 9F7 B . 4.99 10.87 1.84
C23 9F7 B . 5.17 11.07 3.40
C11 9F7 B . 4.35 10.53 6.49
C12 9F7 B . 4.50 10.66 7.85
C27 9F7 B . 5.68 11.98 -0.33
C33 9F7 B . -6.71 8.34 5.26
C1 9F7 B . 0.88 10.19 3.09
C2 9F7 B . 1.04 11.24 1.98
C3 9F7 B . 2.50 11.67 1.71
C4 9F7 B . 3.54 10.56 1.42
N5 9F7 B . -0.52 9.75 3.27
C6 9F7 B . 1.52 10.70 4.38
N7 9F7 B . 1.26 11.86 5.11
C8 9F7 B . 2.24 11.96 6.09
C9 9F7 B . 3.07 10.85 5.90
N10 9F7 B . 2.59 10.06 4.89
C14 9F7 B . 6.80 9.93 7.74
N17 9F7 B . 8.07 9.56 8.27
O19 9F7 B . 7.98 10.36 10.48
O20 9F7 B . 9.76 9.13 9.71
N24 9F7 B . 5.37 10.00 4.27
O25 9F7 B . 5.13 12.19 3.88
C26 9F7 B . 5.54 12.13 1.15
C28 9F7 B . -0.76 8.54 3.97
C29 9F7 B . -2.13 8.03 4.20
C30 9F7 B . -3.21 8.76 3.93
C31 9F7 B . -4.56 8.24 4.17
C32 9F7 B . -5.42 8.87 5.03
O34 9F7 B . 0.20 7.87 4.39
C35 9F7 B . -7.11 7.18 4.60
C36 9F7 B . -6.23 6.56 3.70
C37 9F7 B . -4.96 7.09 3.48
N38 9F7 B . -5.07 10.13 5.65
C39 9F7 B . -5.79 11.33 5.62
N40 9F7 B . -5.13 12.22 6.42
N41 9F7 B . -4.06 11.60 6.91
N42 9F7 B . -3.97 10.37 6.47
CL43 9F7 B . -6.74 5.14 2.87
H55 9F7 B . 5.72 10.52 9.58
H56 9F7 B . 7.56 9.54 5.71
H59 9F7 B . 11.55 9.17 10.80
H60 9F7 B . 10.22 8.29 11.57
H58 9F7 B . 10.17 10.07 11.47
H61 9F7 B . 5.60 10.01 1.57
H54 9F7 B . 3.65 10.98 8.47
H65 9F7 B . 6.40 12.70 -0.73
H66 9F7 B . 4.74 12.17 -0.86
H67 9F7 B . 6.02 11.00 -0.63
H70 9F7 B . -7.39 8.77 5.97
H44 9F7 B . 1.46 9.32 2.81
H45 9F7 B . 0.56 10.85 1.08
H46 9F7 B . 0.44 12.11 2.22
H48 9F7 B . 2.87 12.38 2.45
H47 9F7 B . 2.47 12.31 0.84
H50 9F7 B . 3.53 10.36 0.34
H49 9F7 B . 3.27 9.59 1.84
H51 9F7 B . -1.26 10.29 2.83
H52 9F7 B . 0.51 12.53 4.96
H53 9F7 B . 2.29 12.77 6.82
H57 9F7 B . 8.72 9.11 7.64
H62 9F7 B . 5.44 9.04 3.93
H63 9F7 B . 4.90 12.98 1.36
H64 9F7 B . 6.51 12.38 1.57
H68 9F7 B . -2.21 7.02 4.58
H69 9F7 B . -3.17 9.78 3.58
H71 9F7 B . -8.10 6.75 4.75
H72 9F7 B . -4.29 6.60 2.77
H73 9F7 B . -6.73 11.51 5.10
S SO4 C . -27.22 7.91 3.94
O1 SO4 C . -27.91 8.77 2.99
O2 SO4 C . -27.71 8.17 5.27
O3 SO4 C . -27.41 6.49 3.64
O4 SO4 C . -25.81 8.22 3.91
C1 EDO D . -2.72 14.26 3.44
O1 EDO D . -2.94 15.01 4.62
C2 EDO D . -2.07 12.97 3.85
O2 EDO D . -0.83 13.37 4.37
C1 EDO E . 13.23 -16.78 -5.44
O1 EDO E . 13.76 -16.68 -4.13
C2 EDO E . 12.64 -15.43 -5.87
O2 EDO E . 13.68 -14.54 -6.25
C1 EDO F . 9.59 -12.42 16.71
O1 EDO F . 8.60 -13.44 16.84
C2 EDO F . 8.96 -11.06 17.10
O2 EDO F . 9.92 -10.04 17.01
C1 EDO G . -6.51 15.73 5.44
O1 EDO G . -7.17 14.52 5.18
C2 EDO G . -5.88 15.58 6.83
O2 EDO G . -4.54 15.17 6.69
C1 EDO H . -5.67 13.09 2.54
O1 EDO H . -5.32 11.68 2.29
C2 EDO H . -6.28 13.84 1.34
O2 EDO H . -7.37 14.67 1.77
#